data_7DNQ
#
_entry.id   7DNQ
#
_cell.length_a   112.100
_cell.length_b   112.100
_cell.length_c   112.100
_cell.angle_alpha   90.000
_cell.angle_beta   90.000
_cell.angle_gamma   90.000
#
_symmetry.space_group_name_H-M   'P 4 3 2'
#
loop_
_entity.id
_entity.type
_entity.pdbx_description
1 polymer 'Imidazoleglycerol-phosphate dehydratase'
2 non-polymer 'MANGANESE (II) ION'
3 non-polymer 'CHLORIDE ION'
4 non-polymer 2-(1H-1,2,4-triazol-5-ylsulfanyl)ethanamine
5 non-polymer 1,2-ETHANEDIOL
6 water water
#
_entity_poly.entity_id   1
_entity_poly.type   'polypeptide(L)'
_entity_poly.pdbx_seq_one_letter_code
;MHHHHHHTTTQTAKASRRARIERRTRESDIVIELDLDGTGQVAVDTGVPFYDHMLTALGSHASFDLTVRATGDVEIEAHH
TIEDTAIALGTALGQALGDKRGIRRFGDAFIPMDETLAHAAVDLSGRPYCVHTGEPDHLQHTTIAGSSVPYHTVINRHVF
ESLAANARIALHVRVLYGRDPHHITEAQYKAVARALRQAVEPDPRVSGVPSTKGAL
;
_entity_poly.pdbx_strand_id   A
#
loop_
_chem_comp.id
_chem_comp.type
_chem_comp.name
_chem_comp.formula
CL non-polymer 'CHLORIDE ION' 'Cl -1'
EDO non-polymer 1,2-ETHANEDIOL 'C2 H6 O2'
HB3 non-polymer 2-(1H-1,2,4-triazol-5-ylsulfanyl)ethanamine 'C4 H8 N4 S'
MN non-polymer 'MANGANESE (II) ION' 'Mn 2'
#
# COMPACT_ATOMS: atom_id res chain seq x y z
N SER A 16 -0.85 -11.94 17.91
CA SER A 16 0.30 -11.18 18.51
C SER A 16 0.40 -9.79 17.85
N ARG A 17 0.65 -9.73 16.54
CA ARG A 17 0.65 -8.46 15.74
C ARG A 17 -0.46 -8.49 14.69
N ARG A 18 -1.70 -8.45 15.17
CA ARG A 18 -2.93 -8.53 14.35
C ARG A 18 -3.74 -7.26 14.60
N ALA A 19 -4.59 -6.88 13.65
CA ALA A 19 -5.55 -5.76 13.80
C ALA A 19 -6.72 -5.95 12.85
N ARG A 20 -7.92 -5.66 13.33
CA ARG A 20 -9.14 -5.66 12.51
C ARG A 20 -9.66 -4.23 12.52
N ILE A 21 -9.76 -3.61 11.36
CA ILE A 21 -10.28 -2.22 11.20
C ILE A 21 -11.56 -2.26 10.37
N GLU A 22 -12.61 -1.60 10.87
CA GLU A 22 -13.86 -1.30 10.14
C GLU A 22 -13.96 0.21 9.98
N ARG A 23 -14.20 0.66 8.77
CA ARG A 23 -14.29 2.10 8.43
C ARG A 23 -15.52 2.27 7.54
N ARG A 24 -16.58 2.82 8.12
CA ARG A 24 -17.84 3.09 7.39
C ARG A 24 -17.98 4.59 7.24
N THR A 25 -17.91 5.10 6.01
CA THR A 25 -18.17 6.51 5.67
C THR A 25 -19.45 6.57 4.83
N ARG A 26 -19.92 7.77 4.46
CA ARG A 26 -21.05 7.92 3.51
C ARG A 26 -20.59 7.34 2.15
N GLU A 27 -19.30 7.46 1.84
CA GLU A 27 -18.71 7.09 0.53
C GLU A 27 -18.46 5.56 0.45
N SER A 28 -18.13 4.89 1.55
CA SER A 28 -17.64 3.49 1.46
C SER A 28 -17.66 2.75 2.80
N ASP A 29 -17.49 1.43 2.70
CA ASP A 29 -17.41 0.44 3.80
C ASP A 29 -16.16 -0.40 3.64
N ILE A 30 -15.29 -0.40 4.64
CA ILE A 30 -13.99 -1.12 4.59
C ILE A 30 -13.92 -2.04 5.80
N VAL A 31 -13.49 -3.27 5.58
CA VAL A 31 -13.05 -4.22 6.63
C VAL A 31 -11.65 -4.67 6.25
N ILE A 32 -10.72 -4.53 7.18
CA ILE A 32 -9.30 -4.97 7.05
C ILE A 32 -9.04 -5.96 8.16
N GLU A 33 -8.43 -7.09 7.86
CA GLU A 33 -7.79 -7.96 8.87
C GLU A 33 -6.37 -8.18 8.43
N LEU A 34 -5.43 -7.86 9.31
CA LEU A 34 -3.99 -7.79 9.04
C LEU A 34 -3.25 -8.50 10.17
N ASP A 35 -2.40 -9.45 9.79
CA ASP A 35 -1.36 -10.09 10.63
C ASP A 35 -0.01 -9.75 10.02
N LEU A 36 0.85 -9.04 10.74
CA LEU A 36 2.22 -8.70 10.26
C LEU A 36 3.09 -9.96 10.11
N ASP A 37 2.79 -11.03 10.85
CA ASP A 37 3.65 -12.24 10.90
C ASP A 37 2.97 -13.33 10.08
N GLY A 38 2.54 -12.99 8.86
CA GLY A 38 1.79 -13.89 7.96
C GLY A 38 2.69 -14.70 7.08
N THR A 39 2.10 -15.42 6.14
CA THR A 39 2.80 -16.26 5.13
C THR A 39 2.33 -15.86 3.73
N GLY A 40 1.82 -14.64 3.57
CA GLY A 40 1.28 -14.11 2.30
C GLY A 40 -0.11 -14.62 1.98
N GLN A 41 -0.90 -15.01 2.97
CA GLN A 41 -2.31 -15.43 2.76
C GLN A 41 -3.14 -14.15 2.65
N VAL A 42 -3.50 -13.78 1.42
CA VAL A 42 -4.02 -12.44 1.05
C VAL A 42 -5.29 -12.56 0.21
N ALA A 43 -6.34 -11.85 0.56
CA ALA A 43 -7.58 -11.78 -0.23
C ALA A 43 -8.09 -10.33 -0.23
N VAL A 44 -8.21 -9.74 -1.42
CA VAL A 44 -8.58 -8.30 -1.58
C VAL A 44 -9.71 -8.17 -2.59
N ASP A 45 -10.74 -7.44 -2.17
CA ASP A 45 -11.95 -7.20 -2.99
C ASP A 45 -12.46 -5.79 -2.67
N THR A 46 -12.22 -4.84 -3.56
CA THR A 46 -12.50 -3.39 -3.38
C THR A 46 -13.54 -2.93 -4.41
N GLY A 47 -13.85 -3.77 -5.39
CA GLY A 47 -14.60 -3.38 -6.60
C GLY A 47 -13.73 -2.69 -7.63
N VAL A 48 -12.45 -2.45 -7.33
CA VAL A 48 -11.45 -1.84 -8.27
C VAL A 48 -10.36 -2.86 -8.55
N PRO A 49 -10.55 -3.70 -9.59
CA PRO A 49 -9.71 -4.88 -9.78
C PRO A 49 -8.20 -4.64 -9.90
N PHE A 50 -7.76 -3.53 -10.53
CA PHE A 50 -6.30 -3.19 -10.58
C PHE A 50 -5.83 -2.91 -9.15
N TYR A 51 -6.61 -2.14 -8.38
CA TYR A 51 -6.29 -1.83 -6.96
C TYR A 51 -6.19 -3.14 -6.18
N ASP A 52 -7.12 -4.09 -6.39
CA ASP A 52 -7.06 -5.43 -5.72
C ASP A 52 -5.71 -6.09 -6.01
N HIS A 53 -5.25 -6.02 -7.25
CA HIS A 53 -4.00 -6.64 -7.75
C HIS A 53 -2.81 -6.01 -7.04
N MET A 54 -2.84 -4.70 -6.86
CA MET A 54 -1.75 -3.93 -6.20
C MET A 54 -1.75 -4.24 -4.69
N LEU A 55 -2.90 -4.21 -4.06
CA LEU A 55 -2.99 -4.49 -2.59
C LEU A 55 -2.68 -5.97 -2.35
N THR A 56 -2.98 -6.86 -3.30
CA THR A 56 -2.63 -8.30 -3.19
C THR A 56 -1.11 -8.44 -3.31
N ALA A 57 -0.48 -7.73 -4.24
CA ALA A 57 0.99 -7.77 -4.37
C ALA A 57 1.61 -7.15 -3.11
N LEU A 58 0.99 -6.14 -2.52
CA LEU A 58 1.56 -5.53 -1.29
C LEU A 58 1.51 -6.54 -0.15
N GLY A 59 0.34 -7.10 0.14
CA GLY A 59 0.17 -8.05 1.27
C GLY A 59 1.08 -9.24 1.09
N SER A 60 1.13 -9.77 -0.12
CA SER A 60 1.93 -10.97 -0.49
C SER A 60 3.42 -10.71 -0.28
N HIS A 61 3.95 -9.69 -0.93
CA HIS A 61 5.40 -9.36 -0.90
C HIS A 61 5.84 -8.90 0.50
N ALA A 62 4.90 -8.47 1.33
CA ALA A 62 5.20 -8.09 2.72
C ALA A 62 5.14 -9.33 3.65
N SER A 63 4.79 -10.51 3.14
CA SER A 63 4.53 -11.74 3.94
C SER A 63 3.54 -11.44 5.05
N PHE A 64 2.62 -10.49 4.85
CA PHE A 64 1.41 -10.28 5.68
C PHE A 64 0.40 -11.38 5.37
N ASP A 65 -0.46 -11.72 6.32
CA ASP A 65 -1.81 -12.30 6.04
C ASP A 65 -2.75 -11.10 6.01
N LEU A 66 -3.43 -10.89 4.89
CA LEU A 66 -4.24 -9.66 4.68
C LEU A 66 -5.56 -10.04 4.04
N THR A 67 -6.64 -9.57 4.65
CA THR A 67 -8.01 -9.58 4.10
C THR A 67 -8.44 -8.13 3.93
N VAL A 68 -8.90 -7.79 2.74
CA VAL A 68 -9.47 -6.45 2.45
C VAL A 68 -10.78 -6.66 1.73
N ARG A 69 -11.85 -6.15 2.34
CA ARG A 69 -13.21 -6.14 1.78
C ARG A 69 -13.67 -4.67 1.77
N ALA A 70 -13.99 -4.15 0.59
CA ALA A 70 -14.39 -2.73 0.45
C ALA A 70 -15.50 -2.61 -0.60
N THR A 71 -16.51 -1.81 -0.28
CA THR A 71 -17.56 -1.38 -1.22
C THR A 71 -17.66 0.13 -1.12
N GLY A 72 -17.90 0.80 -2.24
CA GLY A 72 -17.95 2.28 -2.30
C GLY A 72 -18.54 2.81 -3.58
N ASP A 73 -18.49 4.13 -3.73
CA ASP A 73 -19.25 4.91 -4.73
C ASP A 73 -18.49 4.88 -6.06
N VAL A 74 -18.19 3.69 -6.60
CA VAL A 74 -17.37 3.51 -7.83
C VAL A 74 -18.14 4.01 -9.07
N GLU A 75 -19.44 4.31 -8.96
CA GLU A 75 -20.20 5.03 -10.02
C GLU A 75 -19.59 6.43 -10.25
N ILE A 76 -19.06 7.07 -9.21
CA ILE A 76 -18.35 8.38 -9.30
C ILE A 76 -16.96 8.14 -9.89
N GLU A 77 -16.19 7.26 -9.24
CA GLU A 77 -14.94 6.65 -9.74
C GLU A 77 -14.28 5.92 -8.58
N ALA A 78 -13.08 5.39 -8.77
CA ALA A 78 -12.40 4.52 -7.77
C ALA A 78 -11.93 5.32 -6.55
N HIS A 79 -11.80 6.65 -6.63
CA HIS A 79 -10.98 7.51 -5.73
C HIS A 79 -11.38 7.31 -4.27
N HIS A 80 -12.65 7.54 -3.91
CA HIS A 80 -13.11 7.45 -2.51
C HIS A 80 -12.82 6.04 -1.97
N THR A 81 -13.04 4.99 -2.76
CA THR A 81 -12.84 3.60 -2.29
C THR A 81 -11.33 3.36 -2.11
N ILE A 82 -10.51 3.79 -3.07
CA ILE A 82 -9.04 3.61 -3.02
C ILE A 82 -8.48 4.28 -1.76
N GLU A 83 -8.83 5.55 -1.54
CA GLU A 83 -8.33 6.37 -0.42
C GLU A 83 -8.79 5.77 0.92
N ASP A 84 -10.10 5.48 1.03
CA ASP A 84 -10.69 4.97 2.29
C ASP A 84 -9.98 3.66 2.66
N THR A 85 -9.80 2.76 1.70
CA THR A 85 -9.08 1.47 1.88
C THR A 85 -7.66 1.75 2.39
N ALA A 86 -6.90 2.62 1.69
CA ALA A 86 -5.52 3.00 2.08
C ALA A 86 -5.53 3.57 3.49
N ILE A 87 -6.52 4.38 3.84
CA ILE A 87 -6.65 4.97 5.22
C ILE A 87 -6.86 3.84 6.24
N ALA A 88 -7.87 3.01 6.04
CA ALA A 88 -8.16 1.84 6.90
C ALA A 88 -6.91 0.95 6.97
N LEU A 89 -6.23 0.70 5.85
CA LEU A 89 -5.05 -0.20 5.87
C LEU A 89 -3.95 0.40 6.75
N GLY A 90 -3.75 1.71 6.66
CA GLY A 90 -2.74 2.42 7.47
C GLY A 90 -3.05 2.28 8.96
N THR A 91 -4.29 2.58 9.35
CA THR A 91 -4.78 2.44 10.74
C THR A 91 -4.43 1.02 11.22
N ALA A 92 -4.70 0.01 10.40
CA ALA A 92 -4.44 -1.41 10.75
C ALA A 92 -2.93 -1.62 10.95
N LEU A 93 -2.10 -1.17 10.01
CA LEU A 93 -0.62 -1.34 10.11
C LEU A 93 -0.16 -0.72 11.43
N GLY A 94 -0.58 0.52 11.72
CA GLY A 94 -0.25 1.24 12.95
C GLY A 94 -0.66 0.47 14.20
N GLN A 95 -1.90 -0.01 14.27
CA GLN A 95 -2.46 -0.72 15.45
C GLN A 95 -1.66 -2.01 15.68
N ALA A 96 -1.44 -2.79 14.63
CA ALA A 96 -0.81 -4.14 14.69
C ALA A 96 0.67 -4.02 15.12
N LEU A 97 1.29 -2.89 14.81
CA LEU A 97 2.71 -2.59 15.15
C LEU A 97 2.81 -2.31 16.65
N GLY A 98 1.77 -1.73 17.25
CA GLY A 98 1.69 -1.42 18.69
C GLY A 98 2.88 -0.61 19.17
N ASP A 99 3.61 -1.15 20.16
CA ASP A 99 4.66 -0.43 20.92
C ASP A 99 5.92 -0.30 20.04
N LYS A 100 6.06 -1.16 19.03
CA LYS A 100 7.19 -1.18 18.06
C LYS A 100 8.47 -1.63 18.75
N ARG A 101 8.38 -2.43 19.82
CA ARG A 101 9.55 -2.90 20.61
C ARG A 101 10.31 -3.96 19.79
N GLY A 102 11.64 -3.84 19.74
CA GLY A 102 12.56 -4.86 19.19
C GLY A 102 12.40 -5.13 17.70
N ILE A 103 11.92 -4.17 16.89
CA ILE A 103 11.79 -4.40 15.41
C ILE A 103 12.95 -3.72 14.66
N ARG A 104 13.24 -4.14 13.43
CA ARG A 104 14.32 -3.51 12.61
C ARG A 104 14.02 -2.02 12.47
N ARG A 105 12.74 -1.67 12.33
CA ARG A 105 12.20 -0.28 12.33
C ARG A 105 12.42 0.39 10.96
N PHE A 106 13.66 0.34 10.46
CA PHE A 106 14.04 0.82 9.11
C PHE A 106 13.99 -0.35 8.14
N GLY A 107 13.46 -0.12 6.96
CA GLY A 107 13.52 -1.09 5.85
C GLY A 107 13.55 -0.39 4.51
N ASP A 108 14.03 -1.08 3.48
CA ASP A 108 14.10 -0.53 2.10
C ASP A 108 14.11 -1.70 1.13
N ALA A 109 13.70 -1.46 -0.10
CA ALA A 109 13.69 -2.49 -1.14
C ALA A 109 13.69 -1.83 -2.53
N PHE A 110 14.58 -2.32 -3.39
CA PHE A 110 14.56 -2.15 -4.86
C PHE A 110 13.69 -3.21 -5.52
N ILE A 111 12.86 -2.77 -6.48
CA ILE A 111 12.02 -3.70 -7.29
C ILE A 111 12.29 -3.45 -8.77
N PRO A 112 13.05 -4.34 -9.42
CA PRO A 112 13.12 -4.34 -10.88
C PRO A 112 11.81 -4.94 -11.40
N MET A 113 11.23 -4.34 -12.44
CA MET A 113 10.09 -4.93 -13.17
C MET A 113 10.25 -4.61 -14.66
N ASP A 114 10.85 -5.53 -15.41
CA ASP A 114 11.27 -5.30 -16.81
C ASP A 114 12.09 -3.99 -16.83
N GLU A 115 11.61 -2.92 -17.48
CA GLU A 115 12.37 -1.67 -17.73
C GLU A 115 12.30 -0.76 -16.49
N THR A 116 11.37 -1.00 -15.58
CA THR A 116 11.10 -0.14 -14.41
C THR A 116 12.05 -0.51 -13.27
N LEU A 117 12.53 0.49 -12.55
CA LEU A 117 13.16 0.27 -11.22
C LEU A 117 12.49 1.19 -10.22
N ALA A 118 11.90 0.62 -9.19
CA ALA A 118 11.29 1.37 -8.09
C ALA A 118 12.08 1.08 -6.80
N HIS A 119 12.00 2.01 -5.85
CA HIS A 119 12.62 1.90 -4.53
C HIS A 119 11.64 2.42 -3.49
N ALA A 120 11.70 1.85 -2.30
CA ALA A 120 10.93 2.35 -1.14
C ALA A 120 11.81 2.20 0.11
N ALA A 121 11.67 3.14 1.03
CA ALA A 121 12.40 3.19 2.31
C ALA A 121 11.42 3.62 3.39
N VAL A 122 11.43 2.94 4.53
CA VAL A 122 10.49 3.20 5.65
C VAL A 122 11.27 3.43 6.95
N ASP A 123 10.75 4.34 7.75
CA ASP A 123 11.09 4.50 9.18
C ASP A 123 9.79 4.36 9.93
N LEU A 124 9.55 3.26 10.63
CA LEU A 124 8.35 3.14 11.52
C LEU A 124 8.62 4.02 12.78
N SER A 125 8.72 5.33 12.52
CA SER A 125 9.17 6.45 13.40
C SER A 125 8.06 6.86 14.38
N GLY A 126 6.78 6.65 14.01
CA GLY A 126 5.60 7.18 14.73
C GLY A 126 5.25 8.58 14.25
N ARG A 127 5.90 9.05 13.16
CA ARG A 127 5.80 10.44 12.62
C ARG A 127 5.45 10.39 11.13
N PRO A 128 4.18 10.65 10.77
CA PRO A 128 3.72 10.50 9.40
C PRO A 128 4.51 11.43 8.47
N TYR A 129 4.96 10.86 7.36
CA TYR A 129 5.62 11.60 6.26
C TYR A 129 5.65 10.72 5.02
N CYS A 130 5.37 11.29 3.87
CA CYS A 130 5.48 10.56 2.60
C CYS A 130 6.25 11.45 1.64
N VAL A 131 7.28 10.92 1.00
CA VAL A 131 7.91 11.59 -0.17
C VAL A 131 7.80 10.65 -1.38
N HIS A 132 7.14 11.11 -2.44
CA HIS A 132 6.91 10.35 -3.70
C HIS A 132 7.62 11.08 -4.84
N THR A 133 8.66 10.47 -5.41
CA THR A 133 9.52 11.11 -6.45
C THR A 133 9.76 10.16 -7.62
N GLY A 134 10.01 10.74 -8.80
CA GLY A 134 10.58 10.08 -9.98
C GLY A 134 9.54 9.48 -10.89
N GLU A 135 8.27 9.48 -10.47
CA GLU A 135 7.16 8.92 -11.30
C GLU A 135 7.02 9.78 -12.55
N PRO A 136 7.15 9.23 -13.77
CA PRO A 136 6.99 10.03 -15.00
C PRO A 136 5.66 10.77 -15.06
N ASP A 137 5.65 11.92 -15.75
CA ASP A 137 4.55 12.92 -15.67
C ASP A 137 3.28 12.35 -16.32
N HIS A 138 3.41 11.49 -17.34
CA HIS A 138 2.24 10.87 -18.04
C HIS A 138 1.43 10.03 -17.05
N LEU A 139 1.98 9.66 -15.88
CA LEU A 139 1.19 8.87 -14.89
C LEU A 139 0.16 9.73 -14.19
N GLN A 140 0.25 11.06 -14.34
CA GLN A 140 -0.66 11.95 -13.56
C GLN A 140 -1.93 12.17 -14.39
N HIS A 141 -2.01 11.60 -15.60
CA HIS A 141 -3.28 11.52 -16.37
C HIS A 141 -3.42 10.18 -17.10
N THR A 142 -2.76 9.12 -16.66
CA THR A 142 -2.85 7.79 -17.28
C THR A 142 -3.97 7.00 -16.61
N THR A 143 -4.71 6.22 -17.39
CA THR A 143 -5.77 5.27 -16.91
C THR A 143 -5.36 3.81 -17.22
N ILE A 144 -5.55 2.94 -16.23
CA ILE A 144 -5.43 1.47 -16.41
C ILE A 144 -6.87 0.93 -16.39
N ALA A 145 -7.36 0.49 -17.54
CA ALA A 145 -8.78 0.20 -17.78
C ALA A 145 -8.93 -1.24 -18.26
N GLY A 146 -9.83 -1.98 -17.62
CA GLY A 146 -10.25 -3.30 -18.07
C GLY A 146 -11.74 -3.35 -18.34
N SER A 147 -12.37 -4.48 -17.98
CA SER A 147 -13.81 -4.77 -18.17
C SER A 147 -14.63 -4.23 -17.00
N SER A 148 -13.99 -3.66 -15.97
CA SER A 148 -14.62 -3.19 -14.71
C SER A 148 -14.34 -1.69 -14.46
N VAL A 149 -14.32 -1.28 -13.20
CA VAL A 149 -13.98 0.07 -12.71
C VAL A 149 -12.49 0.29 -13.00
N PRO A 150 -12.13 1.40 -13.71
CA PRO A 150 -10.73 1.72 -13.99
C PRO A 150 -9.94 2.33 -12.80
N TYR A 151 -8.62 2.33 -12.94
CA TYR A 151 -7.64 2.87 -11.97
C TYR A 151 -6.82 4.00 -12.63
N HIS A 152 -7.00 5.23 -12.15
CA HIS A 152 -6.19 6.41 -12.55
C HIS A 152 -4.89 6.41 -11.72
N THR A 153 -3.75 6.29 -12.38
CA THR A 153 -2.42 6.15 -11.70
C THR A 153 -2.08 7.43 -10.94
N VAL A 154 -2.79 8.54 -11.17
CA VAL A 154 -2.57 9.79 -10.40
C VAL A 154 -2.79 9.50 -8.91
N ILE A 155 -3.51 8.43 -8.61
CA ILE A 155 -3.91 8.03 -7.23
C ILE A 155 -2.73 7.31 -6.53
N ASN A 156 -1.72 6.83 -7.26
CA ASN A 156 -0.57 6.13 -6.64
C ASN A 156 -0.10 6.97 -5.43
N ARG A 157 0.19 8.24 -5.68
CA ARG A 157 0.74 9.13 -4.64
C ARG A 157 -0.24 9.17 -3.46
N HIS A 158 -1.53 9.34 -3.76
CA HIS A 158 -2.61 9.52 -2.76
C HIS A 158 -2.62 8.32 -1.83
N VAL A 159 -2.41 7.14 -2.41
CA VAL A 159 -2.41 5.85 -1.68
C VAL A 159 -1.23 5.83 -0.72
N PHE A 160 -0.03 6.15 -1.21
CA PHE A 160 1.18 6.15 -0.38
C PHE A 160 1.00 7.19 0.73
N GLU A 161 0.48 8.38 0.44
CA GLU A 161 0.34 9.45 1.48
C GLU A 161 -0.64 9.00 2.56
N SER A 162 -1.80 8.44 2.15
CA SER A 162 -2.89 7.99 3.07
C SER A 162 -2.34 6.89 3.98
N LEU A 163 -1.54 6.00 3.40
CA LEU A 163 -0.95 4.84 4.11
C LEU A 163 -0.03 5.39 5.19
N ALA A 164 0.91 6.24 4.80
CA ALA A 164 1.91 6.85 5.72
C ALA A 164 1.19 7.65 6.81
N ALA A 165 0.21 8.49 6.43
CA ALA A 165 -0.53 9.37 7.37
C ALA A 165 -1.19 8.55 8.48
N ASN A 166 -1.74 7.38 8.16
CA ASN A 166 -2.63 6.65 9.08
C ASN A 166 -1.88 5.54 9.81
N ALA A 167 -0.80 5.03 9.24
CA ALA A 167 0.13 4.12 9.93
C ALA A 167 1.09 4.91 10.83
N ARG A 168 1.24 6.21 10.62
CA ARG A 168 2.15 7.09 11.41
C ARG A 168 3.59 6.55 11.21
N ILE A 169 4.03 6.54 9.96
CA ILE A 169 5.37 6.10 9.52
C ILE A 169 5.92 7.09 8.48
N ALA A 170 7.23 7.09 8.31
CA ALA A 170 7.93 7.78 7.20
C ALA A 170 8.02 6.81 6.02
N LEU A 171 7.41 7.16 4.89
CA LEU A 171 7.41 6.33 3.66
C LEU A 171 7.98 7.15 2.51
N HIS A 172 9.10 6.71 1.95
CA HIS A 172 9.72 7.37 0.77
C HIS A 172 9.62 6.40 -0.41
N VAL A 173 8.90 6.78 -1.44
CA VAL A 173 8.70 5.93 -2.64
C VAL A 173 9.28 6.66 -3.86
N ARG A 174 10.15 5.96 -4.59
CA ARG A 174 10.96 6.49 -5.71
C ARG A 174 10.77 5.63 -6.95
N VAL A 175 10.55 6.25 -8.11
CA VAL A 175 10.73 5.60 -9.44
C VAL A 175 12.06 6.10 -9.99
N LEU A 176 13.05 5.22 -10.07
CA LEU A 176 14.39 5.59 -10.61
C LEU A 176 14.21 5.81 -12.10
N TYR A 177 13.38 4.99 -12.74
CA TYR A 177 13.05 5.05 -14.17
C TYR A 177 12.01 3.98 -14.49
N GLY A 178 11.39 4.08 -15.66
CA GLY A 178 10.37 3.15 -16.17
C GLY A 178 9.49 3.80 -17.22
N ARG A 179 8.76 2.99 -17.96
CA ARG A 179 7.96 3.43 -19.13
C ARG A 179 6.53 2.96 -18.91
N ASP A 180 6.31 1.67 -18.70
CA ASP A 180 4.94 1.07 -18.63
C ASP A 180 4.27 1.49 -17.33
N PRO A 181 3.04 2.02 -17.37
CA PRO A 181 2.37 2.51 -16.16
C PRO A 181 2.00 1.37 -15.20
N HIS A 182 1.70 0.21 -15.75
CA HIS A 182 1.42 -1.01 -14.95
C HIS A 182 2.70 -1.43 -14.23
N HIS A 183 3.84 -1.49 -14.92
CA HIS A 183 5.14 -1.85 -14.28
C HIS A 183 5.51 -0.80 -13.23
N ILE A 184 5.31 0.48 -13.55
CA ILE A 184 5.75 1.57 -12.63
C ILE A 184 4.92 1.44 -11.36
N THR A 185 3.63 1.16 -11.48
CA THR A 185 2.70 1.18 -10.33
C THR A 185 2.97 -0.05 -9.46
N GLU A 186 3.09 -1.21 -10.09
CA GLU A 186 3.23 -2.48 -9.35
C GLU A 186 4.57 -2.49 -8.61
N ALA A 187 5.62 -2.09 -9.30
CA ALA A 187 6.99 -2.06 -8.72
C ALA A 187 6.97 -1.19 -7.46
N GLN A 188 6.27 -0.07 -7.51
CA GLN A 188 6.11 0.84 -6.36
C GLN A 188 5.41 0.09 -5.22
N TYR A 189 4.24 -0.50 -5.47
CA TYR A 189 3.48 -1.21 -4.41
C TYR A 189 4.38 -2.32 -3.81
N LYS A 190 5.11 -3.03 -4.68
CA LYS A 190 6.00 -4.15 -4.27
C LYS A 190 7.18 -3.60 -3.46
N ALA A 191 7.69 -2.43 -3.81
CA ALA A 191 8.84 -1.82 -3.10
C ALA A 191 8.43 -1.52 -1.68
N VAL A 192 7.26 -0.90 -1.54
CA VAL A 192 6.66 -0.51 -0.23
C VAL A 192 6.52 -1.79 0.62
N ALA A 193 6.07 -2.86 -0.03
CA ALA A 193 5.75 -4.15 0.63
C ALA A 193 7.03 -4.72 1.24
N ARG A 194 8.08 -4.84 0.43
CA ARG A 194 9.34 -5.49 0.88
C ARG A 194 10.10 -4.60 1.86
N ALA A 195 9.95 -3.28 1.76
CA ALA A 195 10.50 -2.30 2.72
C ALA A 195 9.80 -2.50 4.07
N LEU A 196 8.47 -2.55 4.09
CA LEU A 196 7.65 -2.89 5.31
C LEU A 196 8.09 -4.25 5.88
N ARG A 197 8.26 -5.25 5.03
CA ARG A 197 8.61 -6.61 5.47
C ARG A 197 9.91 -6.57 6.29
N GLN A 198 10.96 -5.94 5.76
CA GLN A 198 12.26 -5.79 6.47
C GLN A 198 12.06 -5.03 7.79
N ALA A 199 11.37 -3.90 7.75
CA ALA A 199 11.25 -3.00 8.91
C ALA A 199 10.47 -3.67 10.06
N VAL A 200 9.42 -4.45 9.79
CA VAL A 200 8.57 -5.05 10.87
C VAL A 200 9.22 -6.33 11.44
N GLU A 201 10.22 -6.91 10.76
CA GLU A 201 10.90 -8.13 11.27
C GLU A 201 11.45 -7.84 12.67
N PRO A 202 11.40 -8.83 13.58
CA PRO A 202 12.12 -8.74 14.85
C PRO A 202 13.62 -8.47 14.62
N ASP A 203 14.18 -7.54 15.40
CA ASP A 203 15.61 -7.19 15.38
C ASP A 203 16.32 -8.04 16.42
N PRO A 204 17.26 -8.93 16.02
CA PRO A 204 17.89 -9.85 16.98
C PRO A 204 18.79 -9.21 18.05
N ARG A 205 18.86 -7.88 18.16
CA ARG A 205 19.87 -7.13 18.98
C ARG A 205 19.20 -6.00 19.78
MN MN B . -8.81 12.29 -1.86
MN MN C . 0.56 -6.98 -12.85
CL CL D . 19.80 4.95 -5.09
CL CL E . 16.09 7.74 16.73
C1 HB3 F . -14.16 12.50 1.30
C2 HB3 F . -12.97 13.37 1.73
C3 HB3 F . -11.80 13.20 -0.96
C4 HB3 F . -11.69 13.13 -3.09
N1 HB3 F . -13.87 11.07 1.37
N2 HB3 F . -10.96 12.95 -1.98
N3 HB3 F . -12.90 13.49 -2.77
N4 HB3 F . -12.97 13.53 -1.44
S1 HB3 F . -11.40 13.07 0.80
C1 EDO G . 15.55 -6.22 -2.16
O1 EDO G . 16.05 -5.49 -3.25
C2 EDO G . 15.98 -5.65 -0.85
O2 EDO G . 15.48 -6.33 0.29
#